data_6LD5
#
_entry.id   6LD5
#
_cell.length_a   63.47
_cell.length_b   84.59
_cell.length_c   69.15
_cell.angle_alpha   90
_cell.angle_beta   113.9
_cell.angle_gamma   90
#
_symmetry.space_group_name_H-M   'P 1 21 1'
#
loop_
_entity.id
_entity.type
_entity.pdbx_description
1 polymer 'RNA-directed RNA polymerase NS5'
2 non-polymer 'ZINC ION'
3 non-polymer '2,4-dimethoxy-5-thiophen-2-yl-benzoic acid'
4 non-polymer quinoline-8-sulfonamide
5 water water
#
_entity_poly.entity_id   1
_entity_poly.type   'polypeptide(L)'
_entity_poly.pdbx_seq_one_letter_code
;MHHHHHHSSGVDLGTENLYFQSMAEAPNMKIIGNRIERIRSEHAETWFFDENHPYRTWAYHGSYEAPTQGSASSLINGVV
RLLSKPWDVVTGVTGIAMTDTTPYGQQRVFKEKVDTRVPDPQEGTRQVMSMVSSWLWKELGKHKRPRVCTKEEFINKVRS
NAALGAIFEEEKEWKTAVEAVNDPRFWALVDKEREHHLRGECQSCVYNMMGKREKKQGEFGKAKGSRAIWYMWLGARFLE
FEALGFLNEDHWMGRENSGGGVEGLGLQRLGYVLEEMSRIPGGRMYADDTAGWDTRISRFDLENEALITNQMEKGHRALA
LAIIKYTYQNKVVKVLRPAEKGKTVMDIISRQDQRGSGQVVTYALNTFTNLVVQLIRNMEAEEVLEMQDLWLLRRSEKVT
NWLQSNGWDRLKRMAVSGDDCVVKPIDDRFAHALRFLNDMGKVRKDTQEWKPSTGWDNWEEVPFCSHHFNKLHLKDGRSI
VVPCRHQDELIGRARVSPGAGWSIRETACLAKSYAQMWQLLYFHRRDLRLMANAICSSVPVDWVPTGRTTWSIHGKGEWM
TTEDMLVVWNRVWIEENDHMEDKTPVTKWTDIPYLGKREDLWCGSLIGHRPRTTWAENIKNTVNMVRRIIGDEEKYMDYL
STQVR
;
_entity_poly.pdbx_strand_id   A
#
loop_
_chem_comp.id
_chem_comp.type
_chem_comp.name
_chem_comp.formula
G8L non-polymer quinoline-8-sulfonamide 'C9 H8 N2 O2 S'
G8O non-polymer '2,4-dimethoxy-5-thiophen-2-yl-benzoic acid' 'C13 H12 O4 S'
ZN non-polymer 'ZINC ION' 'Zn 2'
#
# COMPACT_ATOMS: atom_id res chain seq x y z
N ALA A 24 7.14 18.70 -20.09
CA ALA A 24 6.50 18.85 -21.41
C ALA A 24 6.49 17.51 -22.17
N GLU A 25 5.42 16.75 -21.99
CA GLU A 25 5.24 15.42 -22.58
C GLU A 25 5.22 15.36 -24.13
N ALA A 26 6.03 14.45 -24.71
CA ALA A 26 6.13 14.19 -26.15
C ALA A 26 5.45 12.83 -26.41
N PRO A 27 4.12 12.83 -26.66
CA PRO A 27 3.40 11.56 -26.80
C PRO A 27 3.69 10.73 -28.03
N ASN A 28 3.63 9.41 -27.86
CA ASN A 28 3.74 8.51 -28.99
C ASN A 28 2.32 8.26 -29.42
N MET A 29 1.86 9.01 -30.41
CA MET A 29 0.49 8.88 -30.90
C MET A 29 0.20 7.52 -31.52
N LYS A 30 1.22 6.81 -32.00
CA LYS A 30 1.03 5.48 -32.56
C LYS A 30 0.56 4.49 -31.47
N ILE A 31 0.99 4.68 -30.22
CA ILE A 31 0.59 3.81 -29.11
C ILE A 31 -0.69 4.27 -28.37
N ILE A 32 -0.89 5.60 -28.21
CA ILE A 32 -2.05 6.09 -27.47
C ILE A 32 -3.23 6.56 -28.33
N GLY A 33 -2.98 6.81 -29.61
CA GLY A 33 -3.99 7.32 -30.55
C GLY A 33 -5.29 6.56 -30.58
N ASN A 34 -5.23 5.22 -30.62
CA ASN A 34 -6.42 4.40 -30.67
C ASN A 34 -7.32 4.58 -29.47
N ARG A 35 -6.73 4.67 -28.27
CA ARG A 35 -7.48 4.90 -27.05
C ARG A 35 -8.18 6.26 -27.05
N ILE A 36 -7.47 7.32 -27.46
CA ILE A 36 -8.05 8.66 -27.49
C ILE A 36 -9.22 8.73 -28.49
N GLU A 37 -9.07 8.04 -29.63
CA GLU A 37 -10.11 8.00 -30.64
C GLU A 37 -11.36 7.26 -30.13
N ARG A 38 -11.18 6.18 -29.34
CA ARG A 38 -12.26 5.39 -28.73
C ARG A 38 -13.04 6.23 -27.70
N ILE A 39 -12.33 7.10 -26.96
CA ILE A 39 -12.98 7.96 -25.97
C ILE A 39 -13.78 9.04 -26.70
N ARG A 40 -13.17 9.66 -27.71
CA ARG A 40 -13.79 10.68 -28.51
C ARG A 40 -15.03 10.12 -29.24
N SER A 41 -14.99 8.88 -29.74
CA SER A 41 -16.15 8.27 -30.39
C SER A 41 -17.33 8.10 -29.42
N GLU A 42 -17.04 7.91 -28.12
CA GLU A 42 -18.09 7.78 -27.12
C GLU A 42 -18.70 9.14 -26.79
N HIS A 43 -17.90 10.24 -26.82
CA HIS A 43 -18.39 11.58 -26.45
C HIS A 43 -18.15 12.63 -27.53
N ALA A 44 -18.34 12.22 -28.77
CA ALA A 44 -18.13 13.03 -29.96
C ALA A 44 -18.95 14.30 -29.99
N GLU A 45 -20.14 14.29 -29.37
CA GLU A 45 -21.02 15.46 -29.43
C GLU A 45 -20.70 16.55 -28.40
N THR A 46 -19.99 16.22 -27.32
CA THR A 46 -19.56 17.23 -26.36
C THR A 46 -18.02 17.42 -26.37
N TRP A 47 -17.30 16.64 -27.19
CA TRP A 47 -15.87 16.72 -27.26
C TRP A 47 -15.42 18.07 -27.78
N PHE A 48 -14.37 18.61 -27.18
CA PHE A 48 -13.78 19.87 -27.58
C PHE A 48 -12.28 19.89 -27.19
N PHE A 49 -11.53 20.92 -27.64
CA PHE A 49 -10.13 21.09 -27.25
C PHE A 49 -10.07 22.40 -26.45
N ASP A 50 -9.71 22.31 -25.18
CA ASP A 50 -9.61 23.47 -24.31
C ASP A 50 -8.17 23.99 -24.31
N GLU A 51 -7.88 25.05 -25.10
CA GLU A 51 -6.52 25.59 -25.13
C GLU A 51 -6.09 26.23 -23.78
N ASN A 52 -7.03 26.40 -22.83
CA ASN A 52 -6.71 26.97 -21.52
C ASN A 52 -6.61 25.90 -20.41
N HIS A 53 -6.42 24.62 -20.78
CA HIS A 53 -6.25 23.49 -19.85
C HIS A 53 -5.04 23.77 -18.91
N PRO A 54 -4.97 23.19 -17.70
CA PRO A 54 -3.84 23.50 -16.80
C PRO A 54 -2.67 22.54 -16.80
N TYR A 55 -2.59 21.59 -17.74
CA TYR A 55 -1.52 20.55 -17.71
C TYR A 55 -0.18 21.01 -18.27
N ARG A 56 0.90 20.83 -17.48
CA ARG A 56 2.23 21.28 -17.90
C ARG A 56 3.14 20.11 -18.29
N THR A 57 3.15 19.03 -17.47
CA THR A 57 4.01 17.88 -17.75
C THR A 57 3.26 16.67 -18.31
N TRP A 58 1.95 16.79 -18.52
CA TRP A 58 1.12 15.75 -19.10
C TRP A 58 0.68 16.24 -20.48
N ALA A 59 0.59 15.32 -21.46
CA ALA A 59 0.13 15.70 -22.79
C ALA A 59 -1.39 15.81 -22.69
N TYR A 60 -1.98 16.87 -23.26
CA TYR A 60 -3.43 17.08 -23.19
C TYR A 60 -4.02 16.83 -24.58
N HIS A 61 -5.10 16.06 -24.65
CA HIS A 61 -5.66 15.64 -25.94
C HIS A 61 -7.01 16.21 -26.28
N GLY A 62 -7.79 16.49 -25.27
CA GLY A 62 -9.11 17.06 -25.44
C GLY A 62 -9.96 16.81 -24.22
N SER A 63 -11.14 17.40 -24.22
CA SER A 63 -12.07 17.29 -23.13
C SER A 63 -13.48 16.97 -23.65
N TYR A 64 -14.35 16.57 -22.73
CA TYR A 64 -15.75 16.38 -23.05
C TYR A 64 -16.59 16.73 -21.81
N GLU A 65 -17.92 16.90 -21.98
CA GLU A 65 -18.77 17.25 -20.84
C GLU A 65 -19.04 16.04 -19.95
N ALA A 66 -18.86 16.23 -18.64
CA ALA A 66 -19.10 15.15 -17.68
C ALA A 66 -20.23 15.52 -16.71
N PRO A 67 -20.91 14.55 -16.05
CA PRO A 67 -21.93 14.91 -15.06
C PRO A 67 -21.26 15.36 -13.76
N LEU A 75 -19.19 9.24 3.93
CA LEU A 75 -20.19 8.50 4.69
C LEU A 75 -19.62 7.95 6.02
N ILE A 76 -20.37 8.12 7.10
CA ILE A 76 -19.94 7.71 8.42
C ILE A 76 -20.59 6.41 8.82
N ASN A 77 -19.81 5.52 9.43
CA ASN A 77 -20.30 4.26 9.97
C ASN A 77 -20.99 4.67 11.27
N GLY A 78 -22.32 4.61 11.28
CA GLY A 78 -23.15 4.98 12.42
C GLY A 78 -22.88 4.20 13.69
N VAL A 79 -22.58 2.89 13.59
CA VAL A 79 -22.32 2.07 14.79
C VAL A 79 -21.03 2.52 15.46
N VAL A 80 -19.93 2.66 14.69
CA VAL A 80 -18.65 3.14 15.24
C VAL A 80 -18.77 4.58 15.78
N ARG A 81 -19.48 5.47 15.06
CA ARG A 81 -19.64 6.85 15.55
C ARG A 81 -20.31 6.90 16.91
N LEU A 82 -21.46 6.21 17.05
CA LEU A 82 -22.21 6.19 18.30
C LEU A 82 -21.37 5.65 19.49
N LEU A 83 -20.39 4.81 19.21
CA LEU A 83 -19.56 4.21 20.25
C LEU A 83 -18.17 4.85 20.42
N SER A 84 -17.95 6.03 19.79
CA SER A 84 -16.68 6.76 19.90
C SER A 84 -16.93 8.28 20.06
N LYS A 85 -17.94 8.64 20.90
CA LYS A 85 -18.31 10.03 21.13
C LYS A 85 -17.14 10.98 21.48
N PRO A 86 -16.17 10.64 22.37
CA PRO A 86 -15.07 11.60 22.64
C PRO A 86 -14.30 12.04 21.40
N TRP A 87 -14.29 11.23 20.35
CA TRP A 87 -13.52 11.54 19.15
C TRP A 87 -14.29 12.38 18.13
N ASP A 88 -15.53 12.82 18.45
CA ASP A 88 -16.29 13.72 17.56
C ASP A 88 -15.64 15.12 17.50
N VAL A 89 -14.91 15.51 18.54
CA VAL A 89 -14.22 16.80 18.57
C VAL A 89 -12.71 16.67 18.29
N VAL A 90 -12.18 15.45 18.07
CA VAL A 90 -10.77 15.25 17.77
C VAL A 90 -10.61 15.37 16.26
N THR A 91 -9.98 16.46 15.80
CA THR A 91 -9.80 16.71 14.35
C THR A 91 -8.94 15.67 13.66
N GLY A 92 -7.99 15.09 14.39
CA GLY A 92 -7.18 14.00 13.86
C GLY A 92 -8.04 12.80 13.44
N VAL A 93 -9.22 12.63 14.07
CA VAL A 93 -10.16 11.56 13.69
C VAL A 93 -11.17 12.03 12.59
N THR A 94 -11.90 13.11 12.85
CA THR A 94 -12.94 13.56 11.91
C THR A 94 -12.38 14.04 10.56
N GLY A 95 -11.14 14.52 10.57
CA GLY A 95 -10.44 14.97 9.37
C GLY A 95 -10.24 13.88 8.34
N ILE A 96 -10.13 12.61 8.81
CA ILE A 96 -9.95 11.44 7.93
C ILE A 96 -11.15 11.20 7.00
N ALA A 97 -12.35 11.55 7.46
CA ALA A 97 -13.56 11.42 6.63
C ALA A 97 -13.63 12.65 5.69
N PRO A 103 -14.39 18.18 -8.23
CA PRO A 103 -13.39 18.29 -9.30
C PRO A 103 -12.30 19.30 -8.97
N TYR A 104 -12.65 20.38 -8.23
CA TYR A 104 -11.71 21.43 -7.81
C TYR A 104 -10.62 20.85 -6.90
N GLY A 105 -11.04 19.97 -5.98
CA GLY A 105 -10.14 19.31 -5.05
C GLY A 105 -9.22 18.35 -5.78
N GLN A 106 -9.80 17.55 -6.68
CA GLN A 106 -9.05 16.61 -7.50
C GLN A 106 -7.99 17.31 -8.39
N GLN A 107 -8.29 18.52 -8.91
CA GLN A 107 -7.34 19.29 -9.71
C GLN A 107 -6.23 19.80 -8.81
N ARG A 108 -6.55 20.21 -7.55
CA ARG A 108 -5.53 20.68 -6.58
C ARG A 108 -4.48 19.59 -6.36
N VAL A 109 -4.90 18.33 -6.16
CA VAL A 109 -3.99 17.20 -5.96
C VAL A 109 -3.18 16.94 -7.21
N PHE A 110 -3.84 16.96 -8.39
CA PHE A 110 -3.14 16.74 -9.65
C PHE A 110 -2.01 17.76 -9.83
N LYS A 111 -2.31 19.03 -9.64
CA LYS A 111 -1.34 20.12 -9.76
C LYS A 111 -0.18 20.05 -8.76
N GLU A 112 -0.46 19.74 -7.48
CA GLU A 112 0.60 19.69 -6.49
C GLU A 112 1.41 18.39 -6.54
N LYS A 113 0.74 17.25 -6.66
CA LYS A 113 1.41 15.95 -6.60
C LYS A 113 1.77 15.28 -7.93
N VAL A 114 0.88 15.30 -8.92
CA VAL A 114 1.08 14.50 -10.13
C VAL A 114 1.69 15.27 -11.32
N ASP A 115 1.44 16.57 -11.43
CA ASP A 115 1.94 17.36 -12.54
C ASP A 115 3.32 17.89 -12.30
N THR A 116 4.28 16.97 -12.31
CA THR A 116 5.69 17.21 -12.04
C THR A 116 6.54 16.36 -12.95
N ARG A 117 7.77 16.82 -13.22
CA ARG A 117 8.69 16.06 -14.05
C ARG A 117 10.09 16.04 -13.45
N VAL A 118 10.67 14.85 -13.36
CA VAL A 118 12.00 14.67 -12.80
C VAL A 118 12.96 14.53 -13.95
N PRO A 119 14.13 15.20 -13.92
CA PRO A 119 15.12 14.96 -15.00
C PRO A 119 15.54 13.50 -15.06
N ASP A 120 15.95 13.03 -16.24
CA ASP A 120 16.48 11.69 -16.41
C ASP A 120 17.74 11.52 -15.61
N PRO A 121 17.95 10.33 -15.00
CA PRO A 121 19.25 10.07 -14.39
C PRO A 121 20.33 10.08 -15.49
N GLN A 122 21.59 10.28 -15.09
CA GLN A 122 22.70 10.22 -16.04
C GLN A 122 22.87 8.77 -16.56
N GLU A 123 23.62 8.60 -17.65
CA GLU A 123 23.75 7.31 -18.30
C GLU A 123 24.37 6.22 -17.43
N GLY A 124 25.40 6.56 -16.66
CA GLY A 124 26.05 5.61 -15.77
C GLY A 124 25.12 5.18 -14.67
N THR A 125 24.37 6.13 -14.10
CA THR A 125 23.32 5.84 -13.10
C THR A 125 22.29 4.85 -13.72
N ARG A 126 21.87 5.08 -14.97
CA ARG A 126 20.96 4.21 -15.70
C ARG A 126 21.54 2.79 -15.98
N GLN A 127 22.85 2.70 -16.28
CA GLN A 127 23.54 1.43 -16.52
C GLN A 127 23.56 0.63 -15.19
N VAL A 128 23.85 1.31 -14.07
CA VAL A 128 23.86 0.67 -12.76
C VAL A 128 22.44 0.14 -12.44
N MET A 129 21.41 0.97 -12.70
CA MET A 129 20.02 0.59 -12.43
C MET A 129 19.62 -0.67 -13.19
N SER A 130 19.98 -0.74 -14.49
CA SER A 130 19.65 -1.91 -15.31
C SER A 130 20.36 -3.16 -14.80
N MET A 131 21.65 -3.04 -14.43
CA MET A 131 22.48 -4.15 -13.95
C MET A 131 21.95 -4.78 -12.66
N VAL A 132 21.62 -3.93 -11.66
CA VAL A 132 21.10 -4.41 -10.40
C VAL A 132 19.72 -5.04 -10.64
N SER A 133 18.87 -4.41 -11.47
CA SER A 133 17.54 -4.93 -11.76
C SER A 133 17.62 -6.28 -12.43
N SER A 134 18.51 -6.44 -13.41
CA SER A 134 18.72 -7.70 -14.09
C SER A 134 19.21 -8.77 -13.10
N TRP A 135 20.15 -8.42 -12.23
CA TRP A 135 20.64 -9.36 -11.23
C TRP A 135 19.52 -9.73 -10.24
N LEU A 136 18.75 -8.73 -9.77
CA LEU A 136 17.67 -9.00 -8.81
C LEU A 136 16.61 -9.87 -9.43
N TRP A 137 16.22 -9.61 -10.70
CA TRP A 137 15.21 -10.44 -11.34
C TRP A 137 15.64 -11.90 -11.44
N LYS A 138 16.92 -12.13 -11.74
CA LYS A 138 17.43 -13.49 -11.86
C LYS A 138 17.43 -14.17 -10.50
N GLU A 139 17.68 -13.45 -9.40
CA GLU A 139 17.62 -14.05 -8.07
C GLU A 139 16.20 -14.43 -7.71
N LEU A 140 15.22 -13.54 -7.98
CA LEU A 140 13.83 -13.83 -7.68
C LEU A 140 13.23 -14.97 -8.52
N GLY A 141 13.79 -15.21 -9.70
CA GLY A 141 13.31 -16.27 -10.57
C GLY A 141 14.09 -17.56 -10.53
N LYS A 142 15.08 -17.66 -9.64
CA LYS A 142 15.89 -18.88 -9.52
C LYS A 142 15.06 -20.08 -9.05
N HIS A 143 14.14 -19.87 -8.11
CA HIS A 143 13.31 -20.97 -7.60
C HIS A 143 11.81 -20.82 -7.93
N LYS A 144 11.49 -19.93 -8.85
CA LYS A 144 10.12 -19.67 -9.25
C LYS A 144 10.09 -19.44 -10.74
N ARG A 145 8.96 -19.80 -11.38
CA ARG A 145 8.83 -19.57 -12.81
C ARG A 145 7.63 -18.69 -13.11
N PRO A 146 7.78 -17.68 -13.99
CA PRO A 146 6.63 -16.87 -14.38
C PRO A 146 5.55 -17.73 -15.04
N ARG A 147 4.27 -17.40 -14.78
CA ARG A 147 3.14 -18.13 -15.33
C ARG A 147 1.97 -17.20 -15.61
N VAL A 148 1.15 -17.59 -16.57
CA VAL A 148 -0.05 -16.87 -16.94
C VAL A 148 -1.09 -17.16 -15.85
N CYS A 149 -1.74 -16.14 -15.30
CA CYS A 149 -2.80 -16.37 -14.34
C CYS A 149 -4.12 -16.58 -15.08
N THR A 150 -5.05 -17.35 -14.49
CA THR A 150 -6.26 -17.75 -15.22
C THR A 150 -7.52 -16.96 -14.89
N LYS A 151 -8.51 -17.04 -15.79
CA LYS A 151 -9.84 -16.47 -15.63
C LYS A 151 -10.47 -17.05 -14.32
N GLU A 152 -10.25 -18.34 -14.04
CA GLU A 152 -10.79 -18.96 -12.83
C GLU A 152 -10.16 -18.40 -11.57
N GLU A 153 -8.85 -18.12 -11.60
CA GLU A 153 -8.16 -17.51 -10.45
C GLU A 153 -8.73 -16.10 -10.19
N PHE A 154 -8.99 -15.35 -11.28
CA PHE A 154 -9.51 -13.99 -11.18
C PHE A 154 -10.93 -14.00 -10.62
N ILE A 155 -11.79 -14.91 -11.15
CA ILE A 155 -13.17 -15.01 -10.67
C ILE A 155 -13.19 -15.39 -9.19
N ASN A 156 -12.31 -16.32 -8.78
CA ASN A 156 -12.21 -16.76 -7.37
C ASN A 156 -11.82 -15.61 -6.44
N LYS A 157 -10.95 -14.69 -6.91
CA LYS A 157 -10.53 -13.53 -6.13
C LYS A 157 -11.65 -12.49 -6.06
N VAL A 158 -12.39 -12.28 -7.16
CA VAL A 158 -13.53 -11.35 -7.17
C VAL A 158 -14.56 -11.72 -6.06
N ARG A 159 -14.60 -13.02 -5.66
CA ARG A 159 -15.43 -13.48 -4.56
C ARG A 159 -14.68 -13.22 -3.21
N SER A 160 -14.35 -11.95 -2.92
CA SER A 160 -13.68 -11.56 -1.68
C SER A 160 -14.27 -10.23 -1.19
N VAL A 181 -18.41 -10.47 -14.27
CA VAL A 181 -17.58 -11.68 -14.12
C VAL A 181 -18.41 -12.96 -14.41
N ASN A 182 -19.72 -12.91 -14.14
CA ASN A 182 -20.65 -14.02 -14.42
C ASN A 182 -21.34 -13.89 -15.82
N ASP A 183 -21.11 -12.78 -16.51
CA ASP A 183 -21.70 -12.48 -17.79
C ASP A 183 -20.70 -12.77 -18.92
N PRO A 184 -21.09 -13.60 -19.90
CA PRO A 184 -20.19 -13.89 -21.02
C PRO A 184 -19.80 -12.65 -21.84
N ARG A 185 -20.60 -11.57 -21.78
CA ARG A 185 -20.36 -10.30 -22.46
C ARG A 185 -19.12 -9.59 -21.90
N PHE A 186 -18.86 -9.71 -20.58
CA PHE A 186 -17.68 -9.15 -19.94
C PHE A 186 -16.43 -9.82 -20.55
N TRP A 187 -16.47 -11.15 -20.66
CA TRP A 187 -15.34 -11.90 -21.18
C TRP A 187 -15.17 -11.74 -22.70
N ALA A 188 -16.24 -11.37 -23.43
CA ALA A 188 -16.15 -11.07 -24.85
C ALA A 188 -15.39 -9.75 -25.03
N LEU A 189 -15.63 -8.75 -24.15
CA LEU A 189 -14.93 -7.47 -24.20
C LEU A 189 -13.44 -7.70 -23.83
N VAL A 190 -13.18 -8.56 -22.84
CA VAL A 190 -11.82 -8.90 -22.43
C VAL A 190 -11.07 -9.59 -23.59
N ASP A 191 -11.73 -10.56 -24.27
CA ASP A 191 -11.17 -11.28 -25.42
C ASP A 191 -10.85 -10.32 -26.52
N LYS A 192 -11.76 -9.36 -26.79
CA LYS A 192 -11.56 -8.39 -27.85
C LYS A 192 -10.31 -7.54 -27.56
N GLU A 193 -10.15 -7.07 -26.32
CA GLU A 193 -8.97 -6.29 -25.94
C GLU A 193 -7.69 -7.12 -25.98
N ARG A 194 -7.75 -8.40 -25.57
CA ARG A 194 -6.60 -9.32 -25.62
C ARG A 194 -6.11 -9.55 -27.06
N GLU A 195 -7.05 -9.64 -28.01
CA GLU A 195 -6.77 -9.80 -29.44
C GLU A 195 -6.02 -8.58 -29.95
N HIS A 196 -6.46 -7.38 -29.54
CA HIS A 196 -5.77 -6.15 -29.90
C HIS A 196 -4.33 -6.19 -29.34
N HIS A 197 -4.19 -6.56 -28.04
CA HIS A 197 -2.89 -6.66 -27.38
C HIS A 197 -1.91 -7.60 -28.08
N LEU A 198 -2.38 -8.78 -28.54
CA LEU A 198 -1.57 -9.77 -29.25
C LEU A 198 -1.14 -9.30 -30.65
N ARG A 199 -1.85 -8.34 -31.23
CA ARG A 199 -1.50 -7.71 -32.50
C ARG A 199 -0.65 -6.43 -32.35
N GLY A 200 -0.46 -5.95 -31.11
CA GLY A 200 0.34 -4.76 -30.82
C GLY A 200 -0.47 -3.48 -30.70
N GLU A 201 -1.77 -3.60 -30.43
CA GLU A 201 -2.67 -2.45 -30.30
C GLU A 201 -3.37 -2.44 -28.93
N CYS A 202 -3.95 -1.28 -28.53
CA CYS A 202 -4.71 -1.15 -27.29
C CYS A 202 -5.83 -0.16 -27.51
N GLN A 203 -7.07 -0.56 -27.23
CA GLN A 203 -8.23 0.28 -27.46
C GLN A 203 -8.89 0.82 -26.23
N SER A 204 -8.76 0.13 -25.08
CA SER A 204 -9.55 0.53 -23.92
C SER A 204 -8.88 0.47 -22.57
N CYS A 205 -7.55 0.30 -22.49
CA CYS A 205 -6.89 0.28 -21.19
C CYS A 205 -6.62 1.73 -20.77
N VAL A 206 -7.67 2.36 -20.26
CA VAL A 206 -7.62 3.75 -19.86
C VAL A 206 -7.84 3.91 -18.37
N TYR A 207 -7.10 4.83 -17.75
CA TYR A 207 -7.26 5.12 -16.35
C TYR A 207 -8.30 6.21 -16.12
N ASN A 208 -9.07 6.10 -15.07
CA ASN A 208 -9.97 7.14 -14.58
C ASN A 208 -9.25 7.57 -13.30
N MET A 209 -8.58 8.74 -13.30
CA MET A 209 -7.82 9.17 -12.13
C MET A 209 -8.63 10.03 -11.16
N MET A 210 -8.95 9.46 -9.98
CA MET A 210 -9.67 10.20 -8.95
C MET A 210 -8.73 10.76 -7.89
N GLY A 211 -8.78 12.07 -7.69
CA GLY A 211 -7.97 12.75 -6.70
C GLY A 211 -8.65 12.75 -5.36
N LYS A 212 -7.87 12.61 -4.28
CA LYS A 212 -8.38 12.64 -2.92
C LYS A 212 -7.59 13.70 -2.14
N ARG A 213 -8.22 14.86 -1.88
CA ARG A 213 -7.58 15.95 -1.16
C ARG A 213 -7.92 15.85 0.32
N GLU A 214 -6.97 15.38 1.12
CA GLU A 214 -7.18 15.19 2.55
C GLU A 214 -6.83 16.44 3.35
N SER A 226 -2.55 13.47 0.93
CA SER A 226 -3.22 13.73 -0.34
C SER A 226 -2.60 12.90 -1.47
N ARG A 227 -3.44 12.27 -2.32
CA ARG A 227 -2.92 11.42 -3.38
C ARG A 227 -3.91 11.16 -4.53
N ALA A 228 -3.40 10.58 -5.63
CA ALA A 228 -4.25 10.21 -6.73
C ALA A 228 -4.38 8.69 -6.77
N ILE A 229 -5.58 8.21 -7.07
CA ILE A 229 -5.86 6.79 -7.24
C ILE A 229 -6.23 6.67 -8.70
N TRP A 230 -5.57 5.78 -9.43
CA TRP A 230 -5.80 5.65 -10.86
C TRP A 230 -6.60 4.38 -11.11
N TYR A 231 -7.92 4.52 -11.25
CA TYR A 231 -8.84 3.41 -11.48
C TYR A 231 -8.82 2.93 -12.92
N MET A 232 -9.21 1.69 -13.13
CA MET A 232 -9.27 1.08 -14.45
C MET A 232 -10.44 0.11 -14.44
N TRP A 233 -11.05 -0.11 -15.60
CA TRP A 233 -12.16 -1.05 -15.66
C TRP A 233 -11.67 -2.48 -15.35
N LEU A 234 -12.54 -3.28 -14.73
CA LEU A 234 -12.29 -4.66 -14.29
C LEU A 234 -11.64 -5.52 -15.37
N GLY A 235 -12.02 -5.29 -16.62
CA GLY A 235 -11.46 -6.02 -17.76
C GLY A 235 -9.98 -5.78 -17.97
N ALA A 236 -9.56 -4.51 -17.89
CA ALA A 236 -8.13 -4.16 -18.01
C ALA A 236 -7.37 -4.71 -16.79
N ARG A 237 -7.98 -4.70 -15.60
CA ARG A 237 -7.35 -5.27 -14.39
C ARG A 237 -7.16 -6.76 -14.58
N PHE A 238 -8.14 -7.48 -15.19
CA PHE A 238 -7.95 -8.90 -15.48
C PHE A 238 -6.78 -9.09 -16.44
N LEU A 239 -6.69 -8.35 -17.57
CA LEU A 239 -5.60 -8.53 -18.52
C LEU A 239 -4.22 -8.31 -17.84
N GLU A 240 -4.15 -7.39 -16.87
CA GLU A 240 -2.92 -7.15 -16.15
C GLU A 240 -2.62 -8.34 -15.22
N PHE A 241 -3.64 -8.81 -14.47
CA PHE A 241 -3.57 -9.96 -13.58
C PHE A 241 -3.15 -11.22 -14.37
N GLU A 242 -3.71 -11.42 -15.57
CA GLU A 242 -3.38 -12.59 -16.39
C GLU A 242 -1.88 -12.59 -16.74
N ALA A 243 -1.37 -11.43 -17.13
CA ALA A 243 0.01 -11.29 -17.54
C ALA A 243 1.05 -11.21 -16.43
N LEU A 244 0.73 -10.54 -15.32
CA LEU A 244 1.71 -10.27 -14.28
C LEU A 244 1.29 -10.61 -12.84
N GLY A 245 0.08 -11.12 -12.66
CA GLY A 245 -0.45 -11.50 -11.36
C GLY A 245 0.39 -12.56 -10.66
N PHE A 246 1.17 -13.36 -11.44
CA PHE A 246 2.09 -14.38 -10.90
C PHE A 246 3.03 -13.79 -9.83
N LEU A 247 3.41 -12.49 -9.98
CA LEU A 247 4.27 -11.84 -8.97
C LEU A 247 3.61 -11.87 -7.59
N ASN A 248 2.31 -11.62 -7.54
CA ASN A 248 1.57 -11.65 -6.28
C ASN A 248 1.18 -13.09 -5.91
N GLU A 249 0.52 -13.80 -6.82
CA GLU A 249 -0.04 -15.12 -6.61
C GLU A 249 0.98 -16.15 -6.18
N ASP A 250 2.22 -16.03 -6.67
CA ASP A 250 3.33 -16.93 -6.32
C ASP A 250 4.37 -16.29 -5.40
N HIS A 251 4.02 -15.18 -4.74
CA HIS A 251 4.80 -14.49 -3.73
C HIS A 251 6.27 -14.27 -4.11
N TRP A 252 6.51 -13.65 -5.27
CA TRP A 252 7.87 -13.35 -5.69
C TRP A 252 8.58 -12.42 -4.70
N MET A 253 7.83 -11.52 -4.02
CA MET A 253 8.40 -10.57 -3.05
C MET A 253 8.33 -11.05 -1.60
N GLY A 254 8.01 -12.33 -1.39
CA GLY A 254 8.02 -12.93 -0.05
C GLY A 254 9.45 -12.92 0.49
N ARG A 255 9.62 -12.91 1.81
CA ARG A 255 10.94 -12.77 2.43
C ARG A 255 11.86 -13.92 2.06
N GLU A 256 11.31 -15.13 2.01
CA GLU A 256 12.08 -16.31 1.63
C GLU A 256 12.64 -16.17 0.20
N ASN A 257 11.84 -15.67 -0.72
CA ASN A 257 12.28 -15.51 -2.11
C ASN A 257 13.15 -14.29 -2.38
N SER A 258 12.91 -13.19 -1.66
CA SER A 258 13.58 -11.93 -1.97
C SER A 258 14.64 -11.46 -0.98
N GLY A 259 14.66 -12.02 0.22
CA GLY A 259 15.58 -11.62 1.27
C GLY A 259 15.14 -10.35 2.00
N GLY A 260 14.84 -9.31 1.22
CA GLY A 260 14.45 -8.01 1.73
C GLY A 260 12.96 -7.71 1.72
N GLY A 261 12.20 -8.44 0.93
CA GLY A 261 10.76 -8.25 0.87
C GLY A 261 10.07 -8.79 2.11
N VAL A 262 8.80 -8.44 2.30
CA VAL A 262 7.99 -8.89 3.43
C VAL A 262 6.59 -9.28 2.95
N GLU A 263 6.40 -9.58 1.65
CA GLU A 263 5.10 -9.90 1.13
C GLU A 263 4.60 -11.21 1.71
N GLY A 264 3.37 -11.20 2.20
CA GLY A 264 2.78 -12.39 2.80
C GLY A 264 2.82 -12.37 4.30
N LEU A 265 3.69 -11.53 4.90
CA LEU A 265 3.75 -11.39 6.33
C LEU A 265 2.62 -10.49 6.78
N GLY A 266 2.06 -10.85 7.92
CA GLY A 266 1.03 -10.03 8.52
C GLY A 266 1.69 -8.92 9.30
N LEU A 267 0.92 -7.90 9.63
CA LEU A 267 1.38 -6.80 10.46
C LEU A 267 1.96 -7.32 11.82
N GLN A 268 1.43 -8.46 12.31
CA GLN A 268 1.86 -9.14 13.54
C GLN A 268 3.29 -9.70 13.49
N ARG A 269 3.89 -9.80 12.30
CA ARG A 269 5.24 -10.31 12.17
C ARG A 269 6.32 -9.29 11.81
N LEU A 270 5.89 -8.12 11.32
CA LEU A 270 6.80 -7.08 10.83
C LEU A 270 7.75 -6.54 11.90
N GLY A 271 7.26 -6.45 13.12
CA GLY A 271 8.10 -5.98 14.22
C GLY A 271 9.28 -6.89 14.52
N TYR A 272 9.03 -8.20 14.48
CA TYR A 272 10.06 -9.21 14.71
C TYR A 272 11.13 -9.10 13.62
N VAL A 273 10.75 -8.79 12.39
CA VAL A 273 11.71 -8.60 11.28
C VAL A 273 12.66 -7.45 11.63
N LEU A 274 12.10 -6.32 12.08
CA LEU A 274 12.90 -5.16 12.43
C LEU A 274 13.82 -5.44 13.62
N GLU A 275 13.35 -6.26 14.58
CA GLU A 275 14.19 -6.64 15.72
C GLU A 275 15.34 -7.56 15.27
N GLU A 276 15.06 -8.49 14.34
CA GLU A 276 16.11 -9.38 13.77
C GLU A 276 17.20 -8.50 13.09
N MET A 277 16.77 -7.56 12.26
CA MET A 277 17.66 -6.61 11.57
C MET A 277 18.47 -5.78 12.56
N SER A 278 17.87 -5.39 13.70
CA SER A 278 18.57 -4.60 14.73
C SER A 278 19.79 -5.35 15.30
N ARG A 279 19.76 -6.69 15.27
CA ARG A 279 20.83 -7.56 15.77
C ARG A 279 21.96 -7.77 14.75
N ILE A 280 21.74 -7.44 13.47
CA ILE A 280 22.79 -7.60 12.46
C ILE A 280 23.81 -6.50 12.70
N PRO A 281 25.11 -6.84 12.87
CA PRO A 281 26.11 -5.77 13.09
C PRO A 281 26.11 -4.76 11.94
N GLY A 282 26.30 -3.49 12.26
CA GLY A 282 26.33 -2.46 11.25
C GLY A 282 26.07 -1.07 11.80
N GLY A 283 25.57 -0.19 10.95
CA GLY A 283 25.27 1.16 11.37
C GLY A 283 23.87 1.25 11.95
N ARG A 284 23.33 2.44 11.98
CA ARG A 284 21.96 2.67 12.46
C ARG A 284 20.94 2.07 11.44
N MET A 285 19.67 2.03 11.83
CA MET A 285 18.63 1.57 10.93
C MET A 285 18.05 2.80 10.27
N TYR A 286 18.03 2.81 8.94
CA TYR A 286 17.58 3.94 8.16
C TYR A 286 16.23 3.67 7.53
N ALA A 287 15.30 4.62 7.69
CA ALA A 287 13.96 4.45 7.16
C ALA A 287 13.50 5.77 6.53
N ASP A 288 14.13 6.14 5.41
CA ASP A 288 13.79 7.39 4.75
C ASP A 288 12.63 7.17 3.82
N ASP A 289 11.67 8.08 3.85
CA ASP A 289 10.53 8.00 2.97
C ASP A 289 10.81 8.81 1.72
N THR A 290 10.51 8.27 0.54
CA THR A 290 10.70 9.02 -0.71
C THR A 290 9.53 10.03 -0.82
N ALA A 291 9.81 11.25 -1.29
CA ALA A 291 8.74 12.25 -1.46
C ALA A 291 7.89 11.93 -2.72
N GLY A 292 6.74 11.30 -2.54
CA GLY A 292 5.86 10.96 -3.66
C GLY A 292 6.45 9.88 -4.55
N TRP A 293 6.69 8.69 -3.98
CA TRP A 293 7.31 7.55 -4.66
C TRP A 293 6.76 7.26 -6.06
N ASP A 294 5.44 7.02 -6.21
CA ASP A 294 4.85 6.67 -7.49
C ASP A 294 5.13 7.72 -8.57
N THR A 295 5.12 9.02 -8.21
CA THR A 295 5.40 10.07 -9.20
C THR A 295 6.88 10.13 -9.60
N ARG A 296 7.77 9.47 -8.85
CA ARG A 296 9.19 9.44 -9.10
C ARG A 296 9.67 8.14 -9.79
N ILE A 297 8.72 7.26 -10.21
CA ILE A 297 9.08 6.07 -10.98
C ILE A 297 9.36 6.57 -12.42
N SER A 298 10.61 6.42 -12.90
CA SER A 298 11.00 6.97 -14.20
C SER A 298 10.67 6.02 -15.35
N ARG A 299 10.85 6.47 -16.60
CA ARG A 299 10.71 5.56 -17.75
C ARG A 299 11.75 4.45 -17.67
N PHE A 300 12.92 4.72 -17.05
CA PHE A 300 14.01 3.78 -16.87
C PHE A 300 13.70 2.76 -15.79
N ASP A 301 13.01 3.15 -14.70
CA ASP A 301 12.56 2.16 -13.69
C ASP A 301 11.60 1.16 -14.36
N LEU A 302 10.65 1.69 -15.16
CA LEU A 302 9.68 0.90 -15.91
C LEU A 302 10.35 -0.10 -16.86
N GLU A 303 11.38 0.32 -17.61
CA GLU A 303 12.10 -0.61 -18.50
C GLU A 303 12.86 -1.67 -17.70
N ASN A 304 13.39 -1.30 -16.53
CA ASN A 304 14.11 -2.25 -15.71
C ASN A 304 13.17 -3.29 -15.09
N GLU A 305 11.99 -2.87 -14.72
CA GLU A 305 10.93 -3.71 -14.17
C GLU A 305 10.46 -4.71 -15.25
N ALA A 306 10.34 -4.25 -16.49
CA ALA A 306 9.94 -5.06 -17.64
C ALA A 306 10.94 -6.18 -17.98
N LEU A 307 12.13 -6.20 -17.35
CA LEU A 307 13.12 -7.26 -17.63
C LEU A 307 12.64 -8.65 -17.22
N ILE A 308 11.60 -8.76 -16.37
CA ILE A 308 10.99 -10.04 -15.99
C ILE A 308 10.43 -10.78 -17.22
N THR A 309 10.10 -10.04 -18.31
CA THR A 309 9.61 -10.67 -19.53
C THR A 309 10.64 -11.62 -20.16
N ASN A 310 11.95 -11.40 -19.90
CA ASN A 310 13.01 -12.27 -20.42
C ASN A 310 12.98 -13.69 -19.81
N GLN A 311 12.28 -13.86 -18.69
CA GLN A 311 12.08 -15.14 -18.04
C GLN A 311 10.75 -15.81 -18.42
N MET A 312 9.95 -15.18 -19.30
CA MET A 312 8.65 -15.72 -19.69
C MET A 312 8.71 -16.49 -20.99
N GLU A 313 7.83 -17.50 -21.12
CA GLU A 313 7.69 -18.21 -22.39
C GLU A 313 7.00 -17.27 -23.39
N LYS A 314 7.31 -17.42 -24.69
CA LYS A 314 6.85 -16.57 -25.80
C LYS A 314 5.38 -16.11 -25.73
N GLY A 315 4.42 -16.98 -25.50
CA GLY A 315 3.01 -16.57 -25.46
C GLY A 315 2.70 -15.59 -24.32
N HIS A 316 3.07 -15.99 -23.09
CA HIS A 316 2.95 -15.20 -21.87
C HIS A 316 3.65 -13.83 -22.08
N ARG A 317 4.85 -13.85 -22.66
CA ARG A 317 5.67 -12.67 -22.96
C ARG A 317 4.92 -11.66 -23.78
N ALA A 318 4.18 -12.10 -24.83
CA ALA A 318 3.39 -11.22 -25.68
C ALA A 318 2.30 -10.52 -24.86
N LEU A 319 1.62 -11.27 -23.97
CA LEU A 319 0.58 -10.69 -23.14
C LEU A 319 1.17 -9.61 -22.20
N ALA A 320 2.31 -9.88 -21.53
CA ALA A 320 2.95 -8.95 -20.61
C ALA A 320 3.56 -7.71 -21.27
N LEU A 321 4.20 -7.88 -22.44
CA LEU A 321 4.79 -6.76 -23.16
C LEU A 321 3.74 -5.74 -23.55
N ALA A 322 2.51 -6.17 -23.86
CA ALA A 322 1.39 -5.29 -24.18
C ALA A 322 0.88 -4.59 -22.90
N ILE A 323 0.80 -5.29 -21.75
CA ILE A 323 0.41 -4.63 -20.48
C ILE A 323 1.45 -3.53 -20.14
N ILE A 324 2.72 -3.88 -20.23
CA ILE A 324 3.80 -2.96 -19.92
C ILE A 324 3.79 -1.75 -20.87
N LYS A 325 3.69 -1.97 -22.18
CA LYS A 325 3.67 -0.89 -23.16
C LYS A 325 2.52 0.10 -23.01
N TYR A 326 1.30 -0.38 -22.78
CA TYR A 326 0.07 0.43 -22.74
C TYR A 326 -0.42 0.83 -21.34
N THR A 327 -0.37 -0.07 -20.40
CA THR A 327 -0.84 0.19 -19.04
C THR A 327 0.22 0.85 -18.20
N TYR A 328 1.49 0.47 -18.40
CA TYR A 328 2.57 1.00 -17.57
C TYR A 328 3.35 2.18 -18.17
N GLN A 329 3.84 2.02 -19.41
CA GLN A 329 4.73 2.95 -20.07
C GLN A 329 4.17 3.98 -21.06
N ASN A 330 2.86 3.95 -21.36
CA ASN A 330 2.23 4.92 -22.27
C ASN A 330 0.78 4.97 -21.80
N LYS A 331 0.57 5.65 -20.71
CA LYS A 331 -0.73 5.70 -20.04
C LYS A 331 -1.68 6.79 -20.56
N VAL A 332 -2.97 6.45 -20.70
CA VAL A 332 -4.01 7.39 -21.09
C VAL A 332 -4.93 7.52 -19.87
N VAL A 333 -5.16 8.76 -19.41
CA VAL A 333 -5.93 9.00 -18.18
C VAL A 333 -7.06 10.03 -18.39
N LYS A 334 -8.23 9.80 -17.78
CA LYS A 334 -9.36 10.73 -17.79
C LYS A 334 -9.41 11.34 -16.40
N VAL A 335 -9.40 12.69 -16.30
CA VAL A 335 -9.46 13.43 -15.03
C VAL A 335 -10.59 14.52 -15.07
N LEU A 336 -11.27 14.73 -13.94
CA LEU A 336 -12.32 15.73 -13.84
C LEU A 336 -11.76 17.10 -13.55
N ARG A 337 -12.41 18.14 -14.08
CA ARG A 337 -11.99 19.54 -13.89
C ARG A 337 -13.23 20.45 -13.87
N PRO A 338 -13.31 21.40 -12.92
CA PRO A 338 -14.43 22.35 -12.93
C PRO A 338 -14.48 23.17 -14.22
N ALA A 339 -15.70 23.45 -14.67
CA ALA A 339 -15.95 24.27 -15.85
C ALA A 339 -16.95 25.44 -15.46
N GLU A 340 -17.52 26.21 -16.41
CA GLU A 340 -18.37 27.35 -16.10
C GLU A 340 -19.68 27.00 -15.46
N LYS A 341 -20.14 27.87 -14.55
CA LYS A 341 -21.43 27.80 -13.86
C LYS A 341 -21.79 26.41 -13.33
N GLY A 342 -20.94 25.86 -12.47
CA GLY A 342 -21.19 24.56 -11.84
C GLY A 342 -21.00 23.34 -12.71
N LYS A 343 -20.68 23.52 -14.01
CA LYS A 343 -20.47 22.40 -14.92
C LYS A 343 -19.10 21.73 -14.68
N THR A 344 -18.92 20.50 -15.20
CA THR A 344 -17.67 19.76 -15.03
C THR A 344 -17.25 19.16 -16.37
N VAL A 345 -15.96 19.25 -16.69
CA VAL A 345 -15.42 18.61 -17.87
C VAL A 345 -14.52 17.44 -17.49
N MET A 346 -14.35 16.49 -18.45
CA MET A 346 -13.43 15.35 -18.31
C MET A 346 -12.29 15.62 -19.28
N ASP A 347 -11.04 15.60 -18.82
CA ASP A 347 -9.89 15.85 -19.70
C ASP A 347 -9.22 14.54 -20.05
N ILE A 348 -8.72 14.43 -21.27
CA ILE A 348 -7.99 13.25 -21.70
C ILE A 348 -6.55 13.62 -21.79
N ILE A 349 -5.75 13.05 -20.88
CA ILE A 349 -4.34 13.34 -20.80
C ILE A 349 -3.49 12.06 -20.87
N SER A 350 -2.19 12.21 -21.14
CA SER A 350 -1.30 11.06 -21.24
C SER A 350 0.08 11.33 -20.66
N ARG A 351 0.73 10.27 -20.17
CA ARG A 351 2.03 10.38 -19.54
C ARG A 351 2.77 9.07 -19.70
N GLN A 352 4.08 9.11 -20.05
CA GLN A 352 4.86 7.88 -20.23
C GLN A 352 5.50 7.34 -18.94
N ASP A 353 5.93 8.21 -18.03
CA ASP A 353 6.56 7.72 -16.79
C ASP A 353 5.58 7.80 -15.61
N GLN A 354 6.07 7.59 -14.37
CA GLN A 354 5.30 7.47 -13.13
C GLN A 354 4.64 6.09 -13.04
N ARG A 355 4.27 5.71 -11.84
CA ARG A 355 3.54 4.48 -11.58
C ARG A 355 2.06 4.88 -11.55
N GLY A 356 1.23 4.12 -12.25
CA GLY A 356 -0.21 4.34 -12.18
C GLY A 356 -0.73 3.67 -10.93
N SER A 357 -0.74 4.39 -9.81
CA SER A 357 -1.17 3.89 -8.50
C SER A 357 -2.54 3.16 -8.58
N GLY A 358 -2.57 1.90 -8.22
CA GLY A 358 -3.80 1.12 -8.24
C GLY A 358 -3.75 -0.13 -9.09
N GLN A 359 -2.67 -0.30 -9.90
CA GLN A 359 -2.47 -1.47 -10.74
C GLN A 359 -2.35 -2.74 -9.89
N VAL A 360 -2.65 -3.89 -10.49
CA VAL A 360 -2.57 -5.20 -9.87
C VAL A 360 -1.17 -5.47 -9.27
N VAL A 361 -0.09 -5.08 -9.97
CA VAL A 361 1.26 -5.30 -9.44
C VAL A 361 1.97 -4.01 -9.02
N THR A 362 1.21 -2.99 -8.58
CA THR A 362 1.80 -1.73 -8.09
C THR A 362 2.73 -2.01 -6.90
N TYR A 363 2.22 -2.72 -5.92
CA TYR A 363 2.98 -3.08 -4.74
C TYR A 363 4.25 -3.89 -5.05
N ALA A 364 4.12 -4.96 -5.86
CA ALA A 364 5.24 -5.84 -6.21
C ALA A 364 6.35 -5.12 -6.99
N LEU A 365 5.98 -4.29 -7.97
CA LEU A 365 6.97 -3.55 -8.74
C LEU A 365 7.55 -2.37 -7.93
N ASN A 366 6.76 -1.80 -7.00
CA ASN A 366 7.31 -0.76 -6.11
C ASN A 366 8.36 -1.46 -5.18
N THR A 367 8.04 -2.66 -4.66
CA THR A 367 8.95 -3.41 -3.78
C THR A 367 10.26 -3.71 -4.55
N PHE A 368 10.13 -4.18 -5.80
CA PHE A 368 11.28 -4.52 -6.64
C PHE A 368 12.20 -3.31 -6.83
N THR A 369 11.64 -2.18 -7.31
CA THR A 369 12.45 -1.02 -7.60
C THR A 369 13.02 -0.40 -6.32
N ASN A 370 12.28 -0.47 -5.20
CA ASN A 370 12.81 0.03 -3.94
C ASN A 370 14.02 -0.82 -3.49
N LEU A 371 13.95 -2.15 -3.67
CA LEU A 371 15.07 -3.04 -3.35
C LEU A 371 16.30 -2.64 -4.20
N VAL A 372 16.10 -2.41 -5.51
CA VAL A 372 17.14 -1.99 -6.46
C VAL A 372 17.80 -0.69 -5.94
N VAL A 373 17.00 0.34 -5.64
CA VAL A 373 17.47 1.64 -5.14
C VAL A 373 18.28 1.49 -3.85
N GLN A 374 17.84 0.66 -2.88
CA GLN A 374 18.58 0.49 -1.63
C GLN A 374 19.90 -0.26 -1.85
N LEU A 375 19.94 -1.18 -2.82
CA LEU A 375 21.17 -1.88 -3.16
C LEU A 375 22.19 -0.90 -3.75
N ILE A 376 21.74 0.00 -4.62
CA ILE A 376 22.56 1.03 -5.22
C ILE A 376 23.08 2.01 -4.18
N ARG A 377 22.25 2.37 -3.20
CA ARG A 377 22.67 3.29 -2.14
C ARG A 377 23.76 2.68 -1.26
N ASN A 378 23.64 1.37 -0.95
CA ASN A 378 24.64 0.60 -0.20
C ASN A 378 25.95 0.53 -1.00
N MET A 379 25.87 0.34 -2.34
CA MET A 379 27.07 0.31 -3.17
C MET A 379 27.80 1.63 -3.18
N GLU A 380 27.06 2.74 -3.16
CA GLU A 380 27.67 4.07 -3.09
C GLU A 380 28.27 4.29 -1.73
N ALA A 381 27.53 3.96 -0.64
CA ALA A 381 28.05 4.09 0.73
C ALA A 381 29.36 3.31 0.92
N GLU A 382 29.41 2.07 0.40
CA GLU A 382 30.58 1.19 0.53
C GLU A 382 31.70 1.50 -0.46
N GLU A 383 31.55 2.56 -1.24
CA GLU A 383 32.55 3.07 -2.15
C GLU A 383 32.82 2.13 -3.31
N VAL A 384 31.87 1.29 -3.67
CA VAL A 384 31.98 0.45 -4.85
C VAL A 384 31.69 1.38 -6.05
N LEU A 385 30.67 2.22 -5.95
CA LEU A 385 30.34 3.23 -6.96
C LEU A 385 31.00 4.53 -6.54
N GLU A 386 31.57 5.26 -7.51
CA GLU A 386 32.16 6.56 -7.21
C GLU A 386 31.49 7.66 -8.05
N MET A 387 31.78 8.95 -7.78
CA MET A 387 31.15 10.08 -8.48
C MET A 387 31.38 10.02 -10.02
N GLN A 388 32.50 9.42 -10.49
CA GLN A 388 32.78 9.24 -11.93
C GLN A 388 31.76 8.28 -12.58
N ASP A 389 31.19 7.34 -11.78
CA ASP A 389 30.23 6.36 -12.33
C ASP A 389 28.86 6.90 -12.64
N LEU A 390 28.49 8.11 -12.16
CA LEU A 390 27.16 8.66 -12.46
C LEU A 390 27.01 8.97 -13.95
N TRP A 391 28.02 9.62 -14.54
CA TRP A 391 28.02 10.06 -15.93
C TRP A 391 28.08 8.89 -16.89
N LEU A 392 28.94 7.91 -16.58
CA LEU A 392 29.12 6.71 -17.41
C LEU A 392 29.77 5.64 -16.53
N LEU A 393 29.27 4.40 -16.59
CA LEU A 393 29.84 3.29 -15.83
C LEU A 393 30.78 2.62 -16.82
N ARG A 394 32.07 2.91 -16.71
CA ARG A 394 33.06 2.44 -17.69
C ARG A 394 33.30 0.96 -17.61
N ARG A 395 33.50 0.47 -16.39
CA ARG A 395 33.75 -0.92 -16.09
C ARG A 395 32.69 -1.38 -15.11
N SER A 396 31.96 -2.45 -15.45
CA SER A 396 30.86 -2.90 -14.60
C SER A 396 31.16 -4.12 -13.73
N GLU A 397 32.37 -4.71 -13.87
CA GLU A 397 32.76 -5.91 -13.10
C GLU A 397 32.65 -5.75 -11.60
N LYS A 398 32.99 -4.56 -11.09
CA LYS A 398 32.93 -4.29 -9.66
C LYS A 398 31.50 -4.38 -9.13
N VAL A 399 30.53 -3.96 -9.94
CA VAL A 399 29.12 -4.01 -9.54
C VAL A 399 28.65 -5.45 -9.54
N THR A 400 28.92 -6.20 -10.62
CA THR A 400 28.59 -7.64 -10.66
C THR A 400 29.24 -8.41 -9.47
N ASN A 401 30.49 -8.06 -9.12
CA ASN A 401 31.16 -8.76 -8.01
C ASN A 401 30.50 -8.46 -6.67
N TRP A 402 30.19 -7.19 -6.42
CA TRP A 402 29.54 -6.79 -5.17
C TRP A 402 28.17 -7.48 -5.04
N LEU A 403 27.41 -7.49 -6.13
CA LEU A 403 26.09 -8.14 -6.13
C LEU A 403 26.22 -9.65 -5.84
N GLN A 404 27.07 -10.38 -6.59
CA GLN A 404 27.26 -11.82 -6.37
C GLN A 404 27.84 -12.15 -5.00
N SER A 405 28.69 -11.27 -4.44
CA SER A 405 29.34 -11.50 -3.14
C SER A 405 28.53 -11.07 -1.95
N ASN A 406 27.89 -9.89 -2.04
CA ASN A 406 27.23 -9.22 -0.92
C ASN A 406 25.74 -8.96 -1.10
N GLY A 407 25.22 -9.15 -2.30
CA GLY A 407 23.83 -8.86 -2.65
C GLY A 407 22.82 -9.43 -1.67
N TRP A 408 22.89 -10.74 -1.41
CA TRP A 408 22.00 -11.42 -0.50
C TRP A 408 22.15 -10.95 0.93
N ASP A 409 23.39 -10.69 1.37
CA ASP A 409 23.60 -10.19 2.72
C ASP A 409 22.91 -8.83 2.91
N ARG A 410 22.99 -7.96 1.89
CA ARG A 410 22.36 -6.64 1.89
C ARG A 410 20.85 -6.71 1.77
N LEU A 411 20.29 -7.68 1.01
CA LEU A 411 18.86 -7.89 0.92
C LEU A 411 18.31 -8.26 2.27
N LYS A 412 18.99 -9.19 2.96
CA LYS A 412 18.60 -9.63 4.30
C LYS A 412 18.70 -8.53 5.37
N ARG A 413 19.46 -7.50 5.07
CA ARG A 413 19.60 -6.30 5.89
C ARG A 413 18.48 -5.28 5.59
N MET A 414 17.45 -5.65 4.80
CA MET A 414 16.37 -4.74 4.46
C MET A 414 14.98 -5.32 4.75
N ALA A 415 14.02 -4.43 4.99
CA ALA A 415 12.59 -4.75 5.10
C ALA A 415 12.00 -3.76 4.11
N VAL A 416 11.54 -4.23 2.96
CA VAL A 416 10.98 -3.36 1.93
C VAL A 416 9.56 -3.79 1.63
N SER A 417 8.59 -2.88 1.81
CA SER A 417 7.19 -3.18 1.53
C SER A 417 6.68 -2.06 0.62
N GLY A 418 6.75 -2.27 -0.70
CA GLY A 418 6.39 -1.22 -1.65
C GLY A 418 7.35 -0.06 -1.54
N ASP A 419 6.81 1.13 -1.35
CA ASP A 419 7.61 2.34 -1.21
C ASP A 419 8.19 2.57 0.21
N ASP A 420 7.84 1.71 1.18
CA ASP A 420 8.36 1.82 2.52
C ASP A 420 9.58 0.90 2.69
N CYS A 421 10.64 1.41 3.34
CA CYS A 421 11.85 0.63 3.56
C CYS A 421 12.50 0.98 4.87
N VAL A 422 13.20 -0.01 5.41
CA VAL A 422 14.09 0.04 6.55
C VAL A 422 15.33 -0.72 6.08
N VAL A 423 16.50 -0.13 6.27
CA VAL A 423 17.79 -0.67 5.84
C VAL A 423 18.75 -0.69 7.02
N LYS A 424 19.53 -1.74 7.16
CA LYS A 424 20.54 -1.85 8.22
C LYS A 424 21.89 -1.95 7.49
N PRO A 425 22.49 -0.81 7.09
CA PRO A 425 23.75 -0.86 6.33
C PRO A 425 24.93 -1.39 7.15
N ILE A 426 26.08 -1.69 6.50
CA ILE A 426 27.22 -2.24 7.25
C ILE A 426 27.94 -1.19 8.15
N ASP A 427 27.68 0.10 7.92
CA ASP A 427 28.17 1.24 8.72
C ASP A 427 27.27 2.45 8.43
N ASP A 428 27.61 3.64 8.96
CA ASP A 428 26.80 4.82 8.77
C ASP A 428 27.19 5.65 7.56
N ARG A 429 28.10 5.16 6.69
CA ARG A 429 28.40 5.87 5.42
C ARG A 429 27.12 6.00 4.57
N PHE A 430 26.16 5.04 4.77
CA PHE A 430 24.84 5.03 4.13
C PHE A 430 24.14 6.37 4.27
N ALA A 431 24.27 7.04 5.45
CA ALA A 431 23.64 8.33 5.73
C ALA A 431 23.99 9.42 4.70
N HIS A 432 25.27 9.51 4.29
CA HIS A 432 25.67 10.51 3.30
C HIS A 432 25.75 9.99 1.87
N ALA A 433 25.32 8.76 1.60
CA ALA A 433 25.39 8.20 0.25
C ALA A 433 24.15 8.61 -0.49
N LEU A 434 24.18 9.83 -1.04
CA LEU A 434 23.02 10.43 -1.68
C LEU A 434 23.14 10.74 -3.18
N ARG A 435 24.32 10.70 -3.76
CA ARG A 435 24.49 11.06 -5.18
C ARG A 435 23.67 10.19 -6.13
N PHE A 436 23.75 8.87 -6.01
CA PHE A 436 22.97 7.99 -6.90
C PHE A 436 21.47 8.08 -6.59
N LEU A 437 21.11 8.13 -5.29
CA LEU A 437 19.73 8.28 -4.83
C LEU A 437 19.10 9.54 -5.42
N ASN A 438 19.80 10.69 -5.33
CA ASN A 438 19.30 11.96 -5.88
C ASN A 438 19.29 11.95 -7.41
N ASP A 439 20.31 11.36 -8.07
CA ASP A 439 20.32 11.29 -9.54
C ASP A 439 19.20 10.39 -10.09
N MET A 440 18.76 9.39 -9.30
CA MET A 440 17.65 8.53 -9.69
C MET A 440 16.25 9.19 -9.45
N GLY A 441 16.24 10.40 -8.90
CA GLY A 441 15.01 11.13 -8.63
C GLY A 441 14.26 10.63 -7.42
N LYS A 442 14.90 9.78 -6.56
CA LYS A 442 14.28 9.20 -5.35
C LYS A 442 14.60 10.11 -4.15
N VAL A 443 14.24 11.39 -4.28
CA VAL A 443 14.52 12.44 -3.28
C VAL A 443 13.81 12.18 -1.93
N ARG A 444 14.56 12.24 -0.81
CA ARG A 444 13.97 11.98 0.50
C ARG A 444 12.99 13.08 0.92
N LYS A 445 11.92 12.68 1.61
CA LYS A 445 10.89 13.61 2.07
C LYS A 445 11.37 14.39 3.30
N ASP A 446 10.90 15.65 3.40
CA ASP A 446 11.13 16.58 4.52
C ASP A 446 12.60 16.69 4.99
N THR A 447 13.54 16.75 4.04
CA THR A 447 14.96 16.91 4.34
C THR A 447 15.62 17.64 3.20
N GLN A 448 16.63 18.50 3.51
CA GLN A 448 17.38 19.20 2.46
C GLN A 448 18.08 18.14 1.59
N GLU A 449 17.94 18.26 0.27
CA GLU A 449 18.44 17.31 -0.73
C GLU A 449 19.80 16.68 -0.42
N TRP A 450 20.76 17.48 0.07
CA TRP A 450 22.09 16.98 0.35
C TRP A 450 22.44 16.84 1.81
N LYS A 451 21.46 16.97 2.70
CA LYS A 451 21.68 16.78 4.13
C LYS A 451 21.71 15.28 4.45
N PRO A 452 22.75 14.80 5.16
CA PRO A 452 22.81 13.35 5.49
C PRO A 452 21.56 12.86 6.23
N SER A 453 21.11 11.65 5.93
CA SER A 453 19.95 11.05 6.59
C SER A 453 20.22 10.81 8.07
N THR A 454 19.14 10.78 8.88
CA THR A 454 19.31 10.47 10.30
C THR A 454 18.79 9.07 10.50
N GLY A 455 19.60 8.21 11.09
CA GLY A 455 19.20 6.83 11.37
C GLY A 455 18.70 6.67 12.79
N TRP A 456 18.29 5.45 13.12
CA TRP A 456 17.75 5.16 14.44
C TRP A 456 18.61 4.16 15.17
N ASP A 457 18.73 4.37 16.49
CA ASP A 457 19.46 3.44 17.36
C ASP A 457 18.51 2.39 17.92
N ASN A 458 17.25 2.78 18.21
CA ASN A 458 16.22 1.90 18.77
C ASN A 458 15.25 1.42 17.69
N TRP A 459 15.23 0.09 17.43
CA TRP A 459 14.35 -0.51 16.41
C TRP A 459 12.89 -0.27 16.70
N GLU A 460 12.52 -0.17 18.00
CA GLU A 460 11.15 0.10 18.44
C GLU A 460 10.63 1.48 18.04
N GLU A 461 11.50 2.38 17.60
CA GLU A 461 11.11 3.71 17.14
C GLU A 461 11.11 3.84 15.61
N VAL A 462 11.62 2.82 14.91
CA VAL A 462 11.70 2.86 13.45
C VAL A 462 10.31 2.78 12.79
N PRO A 463 9.99 3.80 11.96
CA PRO A 463 8.72 3.76 11.23
C PRO A 463 8.80 2.79 10.02
N PHE A 464 7.74 2.02 9.81
CA PHE A 464 7.65 1.06 8.72
C PHE A 464 6.21 0.73 8.53
N CYS A 465 5.71 0.95 7.30
CA CYS A 465 4.33 0.65 6.93
C CYS A 465 3.32 1.41 7.78
N SER A 466 3.65 2.66 8.10
CA SER A 466 2.84 3.58 8.91
C SER A 466 2.63 3.10 10.33
N HIS A 467 3.56 2.30 10.83
CA HIS A 467 3.54 1.79 12.17
C HIS A 467 4.95 1.85 12.75
N HIS A 468 5.04 1.62 14.04
CA HIS A 468 6.27 1.34 14.76
C HIS A 468 5.91 0.05 15.56
N PHE A 469 6.92 -0.63 16.12
CA PHE A 469 6.71 -1.91 16.75
C PHE A 469 7.32 -1.93 18.10
N ASN A 470 6.55 -2.40 19.08
CA ASN A 470 7.04 -2.39 20.47
C ASN A 470 7.04 -3.76 21.13
N LYS A 471 8.02 -4.01 22.00
CA LYS A 471 8.07 -5.29 22.73
C LYS A 471 7.30 -5.14 24.06
N LEU A 472 6.31 -5.98 24.24
CA LEU A 472 5.53 -6.02 25.49
C LEU A 472 5.68 -7.40 26.12
N HIS A 473 5.17 -7.60 27.35
CA HIS A 473 5.25 -8.89 28.01
C HIS A 473 3.89 -9.39 28.50
N LEU A 474 3.59 -10.65 28.22
CA LEU A 474 2.38 -11.29 28.72
C LEU A 474 2.51 -11.41 30.26
N LYS A 475 1.41 -11.59 30.98
CA LYS A 475 1.44 -11.76 32.44
C LYS A 475 2.38 -12.92 32.88
N ASP A 476 2.56 -13.94 32.02
CA ASP A 476 3.48 -15.06 32.34
C ASP A 476 4.95 -14.78 32.06
N GLY A 477 5.27 -13.59 31.53
CA GLY A 477 6.64 -13.20 31.26
C GLY A 477 7.11 -13.30 29.82
N ARG A 478 6.35 -13.98 28.95
CA ARG A 478 6.76 -14.13 27.55
C ARG A 478 6.61 -12.81 26.79
N SER A 479 7.62 -12.42 26.04
CA SER A 479 7.56 -11.20 25.24
C SER A 479 6.82 -11.44 23.92
N ILE A 480 6.19 -10.41 23.42
CA ILE A 480 5.52 -10.37 22.13
C ILE A 480 5.95 -9.05 21.48
N VAL A 481 5.98 -8.99 20.13
CA VAL A 481 6.33 -7.73 19.47
C VAL A 481 5.10 -7.22 18.72
N VAL A 482 4.51 -6.13 19.20
CA VAL A 482 3.24 -5.66 18.65
C VAL A 482 3.33 -4.45 17.69
N PRO A 483 2.36 -4.36 16.74
CA PRO A 483 2.30 -3.17 15.86
C PRO A 483 1.53 -2.02 16.52
N CYS A 484 1.97 -0.78 16.25
CA CYS A 484 1.33 0.39 16.84
C CYS A 484 1.37 1.56 15.88
N ARG A 485 0.33 2.37 15.94
CA ARG A 485 0.29 3.61 15.20
C ARG A 485 -0.58 4.62 15.99
N HIS A 486 -0.59 5.89 15.58
CA HIS A 486 -1.37 6.91 16.27
C HIS A 486 -2.83 6.55 16.20
N GLN A 487 -3.44 6.41 17.36
CA GLN A 487 -4.80 5.98 17.54
C GLN A 487 -5.84 6.78 16.72
N ASP A 488 -5.61 8.07 16.48
CA ASP A 488 -6.55 8.89 15.69
C ASP A 488 -6.76 8.30 14.30
N GLU A 489 -5.68 7.80 13.67
CA GLU A 489 -5.76 7.21 12.34
C GLU A 489 -6.61 5.95 12.39
N LEU A 490 -6.48 5.13 13.46
CA LEU A 490 -7.25 3.90 13.62
C LEU A 490 -8.75 4.15 13.80
N ILE A 491 -9.14 5.04 14.74
CA ILE A 491 -10.56 5.36 14.99
C ILE A 491 -11.16 6.10 13.77
N GLY A 492 -10.40 7.01 13.20
CA GLY A 492 -10.83 7.77 12.03
C GLY A 492 -11.20 6.90 10.85
N ARG A 493 -10.45 5.82 10.65
CA ARG A 493 -10.64 4.87 9.55
C ARG A 493 -11.86 3.97 9.84
N ALA A 494 -12.03 3.56 11.09
CA ALA A 494 -13.17 2.75 11.49
C ALA A 494 -14.50 3.50 11.34
N ARG A 495 -14.48 4.83 11.49
CA ARG A 495 -15.68 5.64 11.34
C ARG A 495 -16.06 5.92 9.86
N VAL A 496 -15.20 5.54 8.89
CA VAL A 496 -15.46 5.75 7.46
C VAL A 496 -16.22 4.55 6.90
N SER A 497 -17.35 4.81 6.27
CA SER A 497 -18.14 3.76 5.64
C SER A 497 -18.07 3.98 4.14
N PRO A 498 -17.64 2.97 3.37
CA PRO A 498 -17.55 3.16 1.90
C PRO A 498 -18.89 2.88 1.22
N GLY A 499 -19.25 3.67 0.23
CA GLY A 499 -20.52 3.50 -0.46
C GLY A 499 -21.70 3.86 0.44
N ALA A 500 -22.85 4.21 -0.15
CA ALA A 500 -24.02 4.62 0.62
C ALA A 500 -25.24 3.70 0.42
N GLY A 501 -26.19 3.77 1.36
CA GLY A 501 -27.41 2.98 1.32
C GLY A 501 -27.36 1.66 2.07
N TRP A 502 -26.30 1.44 2.85
CA TRP A 502 -26.12 0.21 3.58
C TRP A 502 -27.17 0.03 4.68
N SER A 503 -27.63 -1.21 4.86
CA SER A 503 -28.55 -1.52 5.94
C SER A 503 -27.75 -1.50 7.26
N ILE A 504 -28.43 -1.56 8.41
CA ILE A 504 -27.73 -1.61 9.70
C ILE A 504 -26.82 -2.87 9.77
N ARG A 505 -27.16 -3.92 9.00
CA ARG A 505 -26.42 -5.16 8.90
C ARG A 505 -25.02 -4.90 8.33
N GLU A 506 -24.90 -4.25 7.15
CA GLU A 506 -23.58 -3.98 6.59
C GLU A 506 -22.72 -3.03 7.45
N THR A 507 -23.35 -2.05 8.04
CA THR A 507 -22.70 -1.06 8.88
C THR A 507 -22.16 -1.73 10.15
N ALA A 508 -22.99 -2.53 10.83
CA ALA A 508 -22.64 -3.24 12.07
C ALA A 508 -21.61 -4.31 11.78
N CYS A 509 -21.75 -5.03 10.67
CA CYS A 509 -20.79 -6.05 10.31
C CYS A 509 -19.42 -5.47 9.96
N LEU A 510 -19.38 -4.29 9.35
CA LEU A 510 -18.10 -3.63 9.08
C LEU A 510 -17.52 -3.08 10.40
N ALA A 511 -18.38 -2.56 11.30
CA ALA A 511 -17.96 -2.07 12.62
C ALA A 511 -17.29 -3.23 13.40
N LYS A 512 -17.92 -4.42 13.35
CA LYS A 512 -17.46 -5.63 14.00
C LYS A 512 -16.10 -6.05 13.44
N SER A 513 -15.90 -5.91 12.12
CA SER A 513 -14.60 -6.26 11.49
C SER A 513 -13.50 -5.37 12.04
N TYR A 514 -13.73 -4.05 12.12
CA TYR A 514 -12.75 -3.10 12.68
C TYR A 514 -12.43 -3.47 14.13
N ALA A 515 -13.46 -3.72 14.93
CA ALA A 515 -13.29 -4.06 16.33
C ALA A 515 -12.48 -5.34 16.53
N GLN A 516 -12.79 -6.40 15.76
CA GLN A 516 -12.06 -7.66 15.89
C GLN A 516 -10.62 -7.53 15.37
N MET A 517 -10.39 -6.63 14.39
CA MET A 517 -9.04 -6.34 13.89
C MET A 517 -8.23 -5.70 15.05
N TRP A 518 -8.82 -4.75 15.77
CA TRP A 518 -8.18 -4.14 16.93
C TRP A 518 -7.93 -5.18 18.02
N GLN A 519 -8.83 -6.13 18.25
CA GLN A 519 -8.62 -7.18 19.25
C GLN A 519 -7.41 -8.05 18.96
N LEU A 520 -7.18 -8.29 17.66
CA LEU A 520 -6.08 -9.13 17.25
C LEU A 520 -4.76 -8.36 17.23
N LEU A 521 -4.77 -7.10 16.76
CA LEU A 521 -3.54 -6.36 16.51
C LEU A 521 -3.25 -5.15 17.38
N TYR A 522 -4.29 -4.49 17.89
CA TYR A 522 -4.15 -3.27 18.68
C TYR A 522 -4.79 -3.37 20.07
N PHE A 523 -4.89 -4.60 20.61
CA PHE A 523 -5.43 -4.94 21.94
C PHE A 523 -4.66 -4.17 23.07
N HIS A 524 -3.42 -3.75 22.79
CA HIS A 524 -2.52 -3.05 23.70
C HIS A 524 -2.83 -1.54 23.84
N ARG A 525 -3.82 -1.04 23.10
CA ARG A 525 -4.30 0.33 23.19
C ARG A 525 -5.55 0.30 24.08
N ARG A 526 -5.52 1.01 25.26
CA ARG A 526 -6.64 1.00 26.21
C ARG A 526 -7.95 1.39 25.55
N ASP A 527 -7.97 2.54 24.82
CA ASP A 527 -9.22 3.00 24.22
C ASP A 527 -9.73 2.00 23.20
N LEU A 528 -8.83 1.39 22.39
CA LEU A 528 -9.27 0.43 21.38
C LEU A 528 -9.78 -0.88 21.92
N ARG A 529 -9.14 -1.43 22.97
CA ARG A 529 -9.66 -2.66 23.58
C ARG A 529 -11.08 -2.41 24.16
N LEU A 530 -11.27 -1.25 24.78
CA LEU A 530 -12.57 -0.88 25.34
CA LEU A 530 -12.56 -0.87 25.34
C LEU A 530 -13.59 -0.65 24.22
N MET A 531 -13.25 0.16 23.20
CA MET A 531 -14.16 0.45 22.09
C MET A 531 -14.49 -0.82 21.30
N ALA A 532 -13.51 -1.72 21.08
CA ALA A 532 -13.74 -2.97 20.37
C ALA A 532 -14.69 -3.86 21.13
N ASN A 533 -14.53 -3.92 22.46
CA ASN A 533 -15.43 -4.71 23.28
C ASN A 533 -16.83 -4.14 23.29
N ALA A 534 -16.97 -2.80 23.27
CA ALA A 534 -18.31 -2.19 23.26
C ALA A 534 -18.97 -2.44 21.91
N ILE A 535 -18.22 -2.35 20.80
CA ILE A 535 -18.76 -2.65 19.46
C ILE A 535 -19.20 -4.10 19.37
N CYS A 536 -18.35 -5.03 19.83
CA CYS A 536 -18.67 -6.47 19.79
C CYS A 536 -19.83 -6.84 20.72
N SER A 537 -20.05 -6.03 21.80
CA SER A 537 -21.18 -6.25 22.70
C SER A 537 -22.48 -5.63 22.11
N SER A 538 -22.38 -4.75 21.09
CA SER A 538 -23.54 -4.06 20.49
C SER A 538 -24.02 -4.67 19.17
N VAL A 539 -23.26 -5.61 18.61
CA VAL A 539 -23.61 -6.25 17.33
C VAL A 539 -23.95 -7.71 17.61
N PRO A 540 -25.07 -8.22 17.05
CA PRO A 540 -25.41 -9.63 17.30
C PRO A 540 -24.24 -10.59 17.03
N VAL A 541 -23.96 -11.49 17.99
CA VAL A 541 -22.85 -12.46 17.95
C VAL A 541 -22.78 -13.29 16.68
N ASP A 542 -23.93 -13.61 16.12
CA ASP A 542 -24.00 -14.45 14.93
C ASP A 542 -23.82 -13.66 13.63
N TRP A 543 -23.73 -12.32 13.67
CA TRP A 543 -23.55 -11.54 12.45
C TRP A 543 -22.11 -11.66 12.01
N VAL A 544 -21.89 -12.05 10.78
CA VAL A 544 -20.56 -12.31 10.25
C VAL A 544 -19.90 -11.00 9.84
N PRO A 545 -18.68 -10.73 10.34
CA PRO A 545 -17.99 -9.49 9.91
C PRO A 545 -17.83 -9.43 8.38
N THR A 546 -18.09 -8.27 7.78
CA THR A 546 -18.00 -8.06 6.33
C THR A 546 -17.23 -6.77 6.03
N GLY A 547 -16.93 -6.53 4.75
CA GLY A 547 -16.23 -5.32 4.36
C GLY A 547 -14.73 -5.45 4.47
N ARG A 548 -14.04 -4.36 4.17
CA ARG A 548 -12.59 -4.29 4.11
C ARG A 548 -12.09 -3.27 5.10
N THR A 549 -11.42 -3.72 6.18
CA THR A 549 -10.89 -2.77 7.16
C THR A 549 -9.63 -2.09 6.64
N THR A 550 -8.86 -2.80 5.81
CA THR A 550 -7.65 -2.26 5.24
C THR A 550 -7.41 -2.75 3.82
N TRP A 551 -6.69 -1.97 3.05
CA TRP A 551 -6.24 -2.37 1.72
C TRP A 551 -4.77 -2.90 1.75
N SER A 552 -4.09 -2.77 2.89
CA SER A 552 -2.72 -3.22 3.04
C SER A 552 -2.60 -4.70 2.84
N ILE A 553 -1.55 -5.11 2.14
CA ILE A 553 -1.23 -6.52 1.94
C ILE A 553 -0.83 -7.19 3.28
N HIS A 554 -0.51 -6.40 4.31
CA HIS A 554 -0.20 -6.93 5.62
C HIS A 554 -1.47 -7.20 6.48
N GLY A 555 -2.66 -6.80 5.98
CA GLY A 555 -3.94 -7.10 6.62
C GLY A 555 -4.43 -8.44 6.12
N LYS A 556 -4.11 -9.52 6.82
CA LYS A 556 -4.43 -10.88 6.35
C LYS A 556 -5.89 -11.33 6.65
N GLY A 557 -6.67 -10.49 7.33
CA GLY A 557 -8.07 -10.75 7.60
C GLY A 557 -8.43 -11.88 8.56
N GLU A 558 -7.53 -12.25 9.48
CA GLU A 558 -7.85 -13.31 10.46
C GLU A 558 -9.01 -12.92 11.39
N TRP A 559 -9.34 -11.64 11.47
CA TRP A 559 -10.46 -11.13 12.26
C TRP A 559 -11.83 -11.27 11.49
N MET A 560 -11.82 -11.66 10.20
CA MET A 560 -13.05 -11.79 9.42
C MET A 560 -13.69 -13.14 9.66
N THR A 561 -14.19 -13.33 10.90
CA THR A 561 -14.74 -14.59 11.35
C THR A 561 -15.67 -14.42 12.58
N THR A 562 -16.50 -15.44 12.83
CA THR A 562 -17.30 -15.46 14.06
C THR A 562 -16.66 -16.37 15.12
N GLU A 563 -15.42 -16.86 14.86
CA GLU A 563 -14.65 -17.64 15.80
C GLU A 563 -14.27 -16.70 16.93
N ASP A 564 -14.23 -17.21 18.15
CA ASP A 564 -13.83 -16.43 19.31
C ASP A 564 -12.43 -15.78 19.09
N MET A 565 -12.36 -14.46 19.23
CA MET A 565 -11.16 -13.70 18.99
C MET A 565 -10.01 -14.01 19.94
N LEU A 566 -10.28 -14.56 21.13
CA LEU A 566 -9.19 -14.99 22.00
C LEU A 566 -8.57 -16.29 21.40
N VAL A 567 -9.39 -17.17 20.78
CA VAL A 567 -8.86 -18.35 20.11
C VAL A 567 -8.03 -17.90 18.89
N VAL A 568 -8.57 -16.96 18.10
CA VAL A 568 -7.84 -16.41 16.94
C VAL A 568 -6.51 -15.76 17.38
N TRP A 569 -6.52 -14.98 18.49
CA TRP A 569 -5.33 -14.32 19.02
C TRP A 569 -4.25 -15.37 19.33
N ASN A 570 -4.67 -16.48 19.95
CA ASN A 570 -3.75 -17.57 20.29
C ASN A 570 -3.12 -18.20 19.05
N ARG A 571 -3.90 -18.40 18.00
CA ARG A 571 -3.38 -18.99 16.77
C ARG A 571 -2.37 -18.06 16.13
N VAL A 572 -2.67 -16.75 16.10
CA VAL A 572 -1.78 -15.79 15.48
C VAL A 572 -0.52 -15.46 16.31
N TRP A 573 -0.70 -15.19 17.58
CA TRP A 573 0.37 -14.74 18.47
C TRP A 573 1.14 -15.85 19.17
N ILE A 574 0.54 -17.02 19.34
CA ILE A 574 1.22 -18.14 20.00
C ILE A 574 1.55 -19.28 19.00
N GLU A 575 0.55 -20.04 18.57
CA GLU A 575 0.69 -21.26 17.76
C GLU A 575 1.44 -21.06 16.49
N GLU A 576 1.01 -20.13 15.65
CA GLU A 576 1.65 -19.89 14.36
C GLU A 576 2.74 -18.84 14.39
N ASN A 577 3.08 -18.31 15.56
CA ASN A 577 4.09 -17.29 15.68
C ASN A 577 5.44 -17.97 15.88
N ASP A 578 6.26 -17.99 14.81
CA ASP A 578 7.60 -18.59 14.90
C ASP A 578 8.53 -17.89 15.86
N HIS A 579 8.19 -16.67 16.29
CA HIS A 579 9.00 -15.93 17.27
C HIS A 579 8.45 -16.08 18.71
N MET A 580 7.54 -17.03 18.93
CA MET A 580 7.00 -17.35 20.24
C MET A 580 7.45 -18.80 20.51
N GLU A 581 8.55 -18.96 21.25
CA GLU A 581 9.15 -20.26 21.53
C GLU A 581 8.25 -21.17 22.36
N ASP A 582 7.73 -20.65 23.45
CA ASP A 582 6.87 -21.41 24.35
C ASP A 582 5.45 -21.30 23.81
N LYS A 583 4.83 -22.45 23.48
CA LYS A 583 3.52 -22.53 22.89
C LYS A 583 2.34 -22.62 23.86
N THR A 584 2.53 -22.31 25.13
CA THR A 584 1.46 -22.32 26.11
C THR A 584 0.36 -21.34 25.73
N PRO A 585 -0.89 -21.80 25.63
CA PRO A 585 -1.99 -20.87 25.27
C PRO A 585 -2.25 -19.83 26.36
N VAL A 586 -2.74 -18.65 25.95
CA VAL A 586 -3.13 -17.57 26.85
C VAL A 586 -4.63 -17.76 27.01
N THR A 587 -5.12 -17.95 28.26
CA THR A 587 -6.52 -18.31 28.48
C THR A 587 -7.43 -17.16 28.89
N LYS A 588 -6.88 -15.94 29.03
CA LYS A 588 -7.71 -14.78 29.34
C LYS A 588 -7.14 -13.48 28.83
N TRP A 589 -8.03 -12.60 28.38
CA TRP A 589 -7.67 -11.28 27.90
C TRP A 589 -6.92 -10.46 28.93
N THR A 590 -7.20 -10.63 30.24
CA THR A 590 -6.44 -9.87 31.26
C THR A 590 -4.96 -10.27 31.32
N ASP A 591 -4.57 -11.43 30.76
CA ASP A 591 -3.16 -11.80 30.67
C ASP A 591 -2.44 -11.04 29.52
N ILE A 592 -3.20 -10.48 28.58
CA ILE A 592 -2.68 -9.77 27.42
C ILE A 592 -2.45 -8.31 27.75
N PRO A 593 -1.21 -7.83 27.60
CA PRO A 593 -0.88 -6.49 28.05
C PRO A 593 -1.34 -5.32 27.20
N TYR A 594 -1.27 -4.16 27.80
CA TYR A 594 -1.43 -2.88 27.13
C TYR A 594 -0.03 -2.33 27.01
N LEU A 595 0.15 -1.25 26.22
CA LEU A 595 1.37 -0.44 26.28
C LEU A 595 1.40 0.20 27.69
N GLY A 596 2.55 0.70 28.14
CA GLY A 596 2.61 1.54 29.35
C GLY A 596 1.81 2.82 29.10
N LYS A 597 1.25 3.45 30.15
CA LYS A 597 0.41 4.64 29.96
C LYS A 597 1.10 5.76 29.22
N ARG A 598 2.41 5.91 29.41
CA ARG A 598 3.24 6.90 28.73
C ARG A 598 3.22 6.71 27.19
N GLU A 599 3.39 5.45 26.74
CA GLU A 599 3.42 5.12 25.31
C GLU A 599 2.03 5.18 24.72
N ASP A 600 1.01 4.70 25.48
CA ASP A 600 -0.39 4.78 25.01
C ASP A 600 -0.78 6.24 24.78
N LEU A 601 -0.39 7.16 25.69
CA LEU A 601 -0.68 8.60 25.55
C LEU A 601 0.10 9.25 24.41
N TRP A 602 1.37 8.88 24.26
CA TRP A 602 2.22 9.41 23.18
C TRP A 602 1.60 9.11 21.80
N CYS A 603 0.97 7.92 21.69
CA CYS A 603 0.33 7.48 20.47
C CYS A 603 -1.18 7.76 20.43
N GLY A 604 -1.60 8.83 21.09
CA GLY A 604 -2.94 9.35 20.98
C GLY A 604 -4.03 8.93 21.92
N SER A 605 -3.73 8.12 22.95
CA SER A 605 -4.77 7.70 23.90
C SER A 605 -5.42 8.89 24.61
N LEU A 606 -6.72 8.76 24.90
CA LEU A 606 -7.45 9.75 25.70
C LEU A 606 -7.67 9.31 27.16
N ILE A 607 -6.92 8.28 27.62
N ILE A 607 -6.91 8.28 27.63
CA ILE A 607 -7.04 7.83 29.02
CA ILE A 607 -7.02 7.82 29.01
C ILE A 607 -6.72 9.00 29.98
C ILE A 607 -6.70 8.97 29.99
N GLY A 608 -7.57 9.19 30.97
CA GLY A 608 -7.41 10.28 31.92
C GLY A 608 -8.07 11.59 31.52
N HIS A 609 -8.43 11.74 30.22
CA HIS A 609 -9.07 12.95 29.67
C HIS A 609 -10.58 12.86 29.94
N ARG A 610 -11.16 13.86 30.66
CA ARG A 610 -12.54 13.85 31.13
C ARG A 610 -13.57 13.25 30.15
N PRO A 611 -13.74 13.74 28.91
CA PRO A 611 -14.74 13.14 28.02
C PRO A 611 -14.61 11.64 27.79
N ARG A 612 -13.37 11.14 27.70
CA ARG A 612 -13.11 9.72 27.52
C ARG A 612 -13.49 8.99 28.81
N THR A 613 -13.14 9.55 29.98
CA THR A 613 -13.52 8.95 31.26
C THR A 613 -15.05 8.79 31.35
N THR A 614 -15.81 9.84 30.96
CA THR A 614 -17.26 9.79 30.98
C THR A 614 -17.78 8.71 30.00
N TRP A 615 -17.18 8.63 28.80
CA TRP A 615 -17.53 7.64 27.78
C TRP A 615 -17.35 6.22 28.34
N ALA A 616 -16.21 5.95 29.01
CA ALA A 616 -15.93 4.66 29.61
C ALA A 616 -16.90 4.34 30.77
N GLU A 617 -17.18 5.31 31.63
CA GLU A 617 -18.12 5.12 32.73
C GLU A 617 -19.57 4.88 32.20
N ASN A 618 -19.95 5.50 31.08
CA ASN A 618 -21.29 5.33 30.52
C ASN A 618 -21.41 4.23 29.46
N ILE A 619 -20.31 3.53 29.11
CA ILE A 619 -20.28 2.57 28.00
C ILE A 619 -21.41 1.53 28.01
N LYS A 620 -21.84 0.98 29.18
CA LYS A 620 -22.92 -0.01 29.19
C LYS A 620 -24.23 0.60 28.67
N ASN A 621 -24.48 1.87 29.05
N ASN A 621 -24.50 1.86 29.05
CA ASN A 621 -25.66 2.63 28.62
CA ASN A 621 -25.69 2.53 28.58
C ASN A 621 -25.61 2.86 27.09
C ASN A 621 -25.61 2.77 27.06
N THR A 622 -24.42 3.08 26.53
CA THR A 622 -24.25 3.31 25.09
C THR A 622 -24.49 2.00 24.28
N VAL A 623 -24.00 0.88 24.81
CA VAL A 623 -24.13 -0.43 24.20
C VAL A 623 -25.63 -0.79 24.12
N ASN A 624 -26.35 -0.67 25.25
CA ASN A 624 -27.79 -0.92 25.32
C ASN A 624 -28.56 -0.09 24.29
N MET A 625 -28.17 1.19 24.10
CA MET A 625 -28.80 2.05 23.10
C MET A 625 -28.57 1.47 21.68
N VAL A 626 -27.33 1.02 21.37
CA VAL A 626 -27.05 0.45 20.05
C VAL A 626 -27.82 -0.87 19.85
N ARG A 627 -27.89 -1.71 20.89
CA ARG A 627 -28.65 -2.95 20.86
C ARG A 627 -30.14 -2.66 20.61
N ARG A 628 -30.67 -1.61 21.23
CA ARG A 628 -32.05 -1.19 21.04
C ARG A 628 -32.33 -0.77 19.57
N ILE A 629 -31.40 -0.01 18.96
CA ILE A 629 -31.53 0.39 17.56
C ILE A 629 -31.53 -0.88 16.65
N ILE A 630 -30.49 -1.72 16.75
CA ILE A 630 -30.36 -2.92 15.94
C ILE A 630 -31.51 -3.89 16.17
N GLY A 631 -31.93 -4.04 17.42
CA GLY A 631 -33.04 -4.92 17.77
C GLY A 631 -32.77 -5.69 19.05
N ASP A 632 -33.53 -5.39 20.10
CA ASP A 632 -33.38 -6.07 21.39
C ASP A 632 -33.69 -7.57 21.33
N GLU A 633 -34.32 -8.06 20.25
CA GLU A 633 -34.64 -9.48 20.08
C GLU A 633 -33.44 -10.31 19.54
N GLU A 634 -32.38 -9.64 19.07
CA GLU A 634 -31.17 -10.31 18.61
C GLU A 634 -30.38 -10.87 19.81
N LYS A 635 -29.39 -11.74 19.56
CA LYS A 635 -28.57 -12.30 20.62
C LYS A 635 -27.27 -11.52 20.73
N TYR A 636 -26.98 -10.98 21.91
CA TYR A 636 -25.74 -10.24 22.15
C TYR A 636 -24.91 -10.90 23.24
N MET A 637 -23.60 -10.61 23.27
CA MET A 637 -22.72 -11.14 24.33
C MET A 637 -22.08 -9.95 25.05
N ASP A 638 -21.78 -10.08 26.35
CA ASP A 638 -21.14 -9.00 27.09
C ASP A 638 -19.63 -9.18 27.04
N TYR A 639 -18.98 -8.48 26.11
CA TYR A 639 -17.52 -8.53 26.00
C TYR A 639 -16.82 -7.53 26.95
N LEU A 640 -17.59 -6.65 27.61
CA LEU A 640 -17.07 -5.66 28.56
C LEU A 640 -16.82 -6.19 29.97
N SER A 641 -17.71 -7.04 30.50
CA SER A 641 -17.60 -7.55 31.87
C SER A 641 -16.25 -8.23 32.17
ZN ZN B . -5.39 -2.40 -23.85
ZN ZN C . 2.69 3.52 19.47
CAA G8O D . -3.38 -0.90 7.44
CAA G8O D . -3.33 -0.65 7.46
CAB G8O D . -2.98 0.28 6.86
CAB G8O D . -2.97 0.49 6.78
CAC G8O D . -1.64 0.50 6.58
CAC G8O D . -1.63 0.75 6.53
CAD G8O D . -0.72 -0.44 6.98
CAD G8O D . -0.69 -0.18 6.92
CAE G8O D . -1.11 -1.64 7.57
CAE G8O D . -1.05 -1.37 7.54
CAF G8O D . -2.46 -1.88 7.79
CAF G8O D . -2.40 -1.60 7.83
CAG G8O D . 1.08 -2.59 7.29
CAG G8O D . 1.05 -2.47 7.16
CAH G8O D . -0.75 1.54 4.67
CAH G8O D . -0.57 1.75 4.68
CAI G8O D . -4.02 1.26 6.34
CAI G8O D . -4.08 1.49 6.46
CAJ G8O D . -2.99 -3.14 8.48
CAJ G8O D . -2.91 -2.86 8.55
CAK G8O D . -4.10 -3.12 9.45
CAK G8O D . -4.17 -2.92 9.31
CAL G8O D . -4.37 -4.66 9.96
CAL G8O D . -4.36 -4.45 9.92
CAM G8O D . -3.42 -5.54 9.29
CAM G8O D . -3.20 -5.25 9.50
OAN G8O D . -0.16 -2.60 7.96
OAN G8O D . -0.08 -2.30 7.95
OAO G8O D . -1.24 1.69 5.97
OAO G8O D . -1.25 1.94 5.90
OAQ G8O D . -4.04 2.39 6.68
OAQ G8O D . -5.02 1.15 5.83
SAR G8O D . -2.52 -4.66 8.28
SAR G8O D . -2.25 -4.32 8.62
C1 G8L E . -5.36 3.00 3.58
C1 G8L E . -5.22 4.82 5.15
C2 G8L E . -4.71 4.04 1.50
C2 G8L E . -5.73 4.91 2.80
C3 G8L E . -4.72 4.10 0.13
C3 G8L E . -6.22 4.31 1.68
C4 G8L E . -5.35 3.13 -0.60
C4 G8L E . -6.75 3.05 1.73
C5 G8L E . -5.99 2.11 0.09
C5 G8L E . -6.76 2.39 2.95
C6 G8L E . -5.37 3.02 2.18
C6 G8L E . -5.76 4.23 4.01
C7 G8L E . -4.73 4.04 4.22
C7 G8L E . -4.74 6.11 5.08
C8 G8L E . -4.05 5.04 3.56
C8 G8L E . -4.71 6.79 3.89
C9 G8L E . -4.05 5.05 2.19
C9 G8L E . -5.20 6.19 2.74
N1 G8L E . -4.95 0.74 5.35
N1 G8L E . -3.99 2.84 7.00
N2 G8L E . -5.98 2.08 1.44
N2 G8L E . -6.26 2.99 4.04
O1 G8L E . -7.08 0.83 3.88
O1 G8L E . -6.51 3.32 7.03
O2 G8L E . -7.04 2.27 5.63
O2 G8L E . -5.25 4.97 7.85
S1 G8L E . -6.15 1.70 4.62
S1 G8L E . -5.24 3.98 6.77
#